data_7DDX
#
_entry.id   7DDX
#
_cell.length_a   137.628
_cell.length_b   137.628
_cell.length_c   57.540
_cell.angle_alpha   90.00
_cell.angle_beta   90.00
_cell.angle_gamma   120.00
#
_symmetry.space_group_name_H-M   'P 31 2 1'
#
loop_
_entity.id
_entity.type
_entity.pdbx_description
1 polymer 'KN motif and ankyrin repeat domains 1'
2 polymer 'Eukaryotic initiation factor 4A-I'
3 non-polymer 'SULFATE ION'
4 non-polymer GLYCEROL
5 water water
#
loop_
_entity_poly.entity_id
_entity_poly.type
_entity_poly.pdbx_seq_one_letter_code
_entity_poly.pdbx_strand_id
1 'polypeptide(L)'
;GPGSEFRERYELSEKMLSACNLLKYNIKDPKALASKDMRICLNTLQHDWFRVSSQKSAVPAMVGDYIAAFEAVSPDVLRY
IINMADGNGNTALHYSVFHSNFQIVKLLLDADVCNVDHQNKAGYTPIMLAALAAVEAEKDMQVVEELFSCGDVNAKASQA
GQTALMLAVSHGRIDMVKGLLACGADVNIQDDEGSTALMCASEHGHVEIVKLLLAQPGCNGHLEDNDGSTALSIALEAGH
KDIAVLLYAHLNFSKAQ
;
A
2 'polypeptide(L)'
;GPGSMSASQDSRSRDNGPDGMEPEGVIESNWNEIVDSFDDMNLSESLLRGIYAYGFEKPSAIQQRAILPCIKGYDVIAQA
QSGTGKTATFAISILQQIELDLKATQALVLAPTRELAQQIQKVVMALGDYMGASCHACIGGTNVRAEVQKLQMEAPHIIV
GTPGRVFDMLNRRYLSPKYIKMFVLDEADEMLSRGFKDQIYDIFQKLNSNTQVVLLSATMPSDVLEVTKKFMRDPIRILV
KK
;
B
#
# COMPACT_ATOMS: atom_id res chain seq x y z
N GLU A 8 -11.35 3.23 39.20
CA GLU A 8 -10.11 3.93 38.86
C GLU A 8 -10.08 4.30 37.38
N ARG A 9 -10.65 5.45 37.04
CA ARG A 9 -10.74 5.88 35.66
C ARG A 9 -9.50 6.64 35.21
N TYR A 10 -9.09 6.41 33.97
CA TYR A 10 -7.99 7.16 33.37
C TYR A 10 -8.42 8.60 33.11
N GLU A 11 -7.57 9.55 33.46
CA GLU A 11 -7.88 10.96 33.25
C GLU A 11 -7.04 11.57 32.13
N LEU A 12 -7.64 12.51 31.41
CA LEU A 12 -6.92 13.25 30.38
C LEU A 12 -5.79 14.07 31.00
N SER A 13 -4.73 14.28 30.25
CA SER A 13 -3.67 15.18 30.69
C SER A 13 -4.20 16.61 30.63
N GLU A 14 -3.52 17.53 31.30
CA GLU A 14 -3.97 18.92 31.33
C GLU A 14 -3.94 19.56 29.94
N LYS A 15 -2.89 19.28 29.18
CA LYS A 15 -2.78 19.86 27.85
C LYS A 15 -3.83 19.28 26.90
N MET A 16 -4.19 18.03 27.13
CA MET A 16 -5.19 17.37 26.30
C MET A 16 -6.58 17.91 26.61
N LEU A 17 -6.87 18.07 27.90
CA LEU A 17 -8.14 18.61 28.37
C LEU A 17 -8.33 20.06 27.91
N SER A 18 -7.27 20.86 28.04
CA SER A 18 -7.33 22.26 27.62
C SER A 18 -7.40 22.37 26.09
N ALA A 19 -6.74 21.45 25.40
CA ALA A 19 -6.83 21.38 23.94
C ALA A 19 -8.27 21.12 23.55
N CYS A 20 -8.91 20.20 24.27
CA CYS A 20 -10.32 19.90 24.05
C CYS A 20 -11.19 21.11 24.33
N ASN A 21 -10.83 21.88 25.36
CA ASN A 21 -11.58 23.09 25.70
C ASN A 21 -11.49 24.15 24.61
N LEU A 22 -10.29 24.33 24.05
CA LEU A 22 -10.11 25.24 22.92
C LEU A 22 -10.87 24.76 21.70
N LEU A 23 -10.86 23.45 21.48
CA LEU A 23 -11.62 22.84 20.39
C LEU A 23 -13.10 23.18 20.53
N LYS A 24 -13.66 22.94 21.71
CA LYS A 24 -15.04 23.27 21.98
C LYS A 24 -15.31 24.75 21.78
N TYR A 25 -14.34 25.58 22.19
CA TYR A 25 -14.44 27.02 22.03
C TYR A 25 -14.56 27.43 20.57
N ASN A 26 -13.80 26.79 19.69
CA ASN A 26 -13.75 27.21 18.30
C ASN A 26 -14.19 26.17 17.27
N ILE A 27 -14.94 25.16 17.71
CA ILE A 27 -15.36 24.10 16.79
C ILE A 27 -16.39 24.61 15.78
N LYS A 28 -17.10 25.67 16.14
CA LYS A 28 -18.07 26.27 15.24
C LYS A 28 -17.52 27.56 14.64
N ASP A 29 -16.20 27.65 14.57
CA ASP A 29 -15.53 28.81 14.00
C ASP A 29 -14.46 28.35 13.02
N PRO A 30 -14.78 28.36 11.72
CA PRO A 30 -13.89 27.89 10.65
C PRO A 30 -12.59 28.70 10.54
N LYS A 31 -12.71 30.03 10.56
CA LYS A 31 -11.55 30.90 10.44
C LYS A 31 -10.60 30.74 11.62
N ALA A 32 -11.17 30.57 12.81
CA ALA A 32 -10.38 30.38 14.01
C ALA A 32 -9.75 28.99 14.05
N LEU A 33 -10.42 28.02 13.45
CA LEU A 33 -9.91 26.65 13.37
C LEU A 33 -8.74 26.54 12.40
N ALA A 34 -8.73 27.41 11.39
CA ALA A 34 -7.73 27.36 10.35
C ALA A 34 -6.51 28.23 10.67
N SER A 35 -6.59 28.99 11.75
CA SER A 35 -5.48 29.85 12.16
C SER A 35 -4.28 29.00 12.58
N LYS A 36 -3.10 29.60 12.56
CA LYS A 36 -1.84 28.88 12.81
C LYS A 36 -1.77 28.25 14.20
N ASP A 37 -1.94 29.07 15.23
CA ASP A 37 -1.84 28.62 16.62
C ASP A 37 -2.85 27.54 16.95
N MET A 38 -4.08 27.72 16.48
CA MET A 38 -5.13 26.72 16.68
C MET A 38 -4.80 25.42 15.97
N ARG A 39 -4.11 25.51 14.82
CA ARG A 39 -3.69 24.31 14.12
C ARG A 39 -2.55 23.61 14.88
N ILE A 40 -1.72 24.40 15.56
CA ILE A 40 -0.70 23.85 16.45
C ILE A 40 -1.38 23.04 17.56
N CYS A 41 -2.38 23.67 18.18
CA CYS A 41 -3.19 23.03 19.20
C CYS A 41 -3.80 21.71 18.72
N LEU A 42 -4.49 21.78 17.59
CA LEU A 42 -5.15 20.61 17.00
C LEU A 42 -4.15 19.52 16.64
N ASN A 43 -2.94 19.92 16.28
CA ASN A 43 -1.88 18.96 16.02
C ASN A 43 -1.45 18.24 17.29
N THR A 44 -1.24 19.00 18.35
CA THR A 44 -0.90 18.40 19.64
C THR A 44 -1.98 17.41 20.07
N LEU A 45 -3.23 17.84 19.94
CA LEU A 45 -4.39 17.02 20.31
C LEU A 45 -4.49 15.75 19.47
N GLN A 46 -4.24 15.87 18.18
CA GLN A 46 -4.33 14.71 17.28
C GLN A 46 -3.22 13.71 17.56
N HIS A 47 -2.01 14.21 17.75
CA HIS A 47 -0.88 13.35 18.10
C HIS A 47 -1.16 12.62 19.40
N ASP A 48 -1.74 13.33 20.37
CA ASP A 48 -2.12 12.69 21.63
C ASP A 48 -3.15 11.58 21.41
N TRP A 49 -4.22 11.90 20.67
CA TRP A 49 -5.29 10.94 20.41
C TRP A 49 -4.80 9.68 19.71
N PHE A 50 -3.96 9.85 18.68
CA PHE A 50 -3.42 8.69 17.98
C PHE A 50 -2.43 7.93 18.84
N ARG A 51 -1.70 8.64 19.69
CA ARG A 51 -0.79 8.00 20.63
C ARG A 51 -1.56 7.09 21.58
N VAL A 52 -2.74 7.54 21.99
CA VAL A 52 -3.55 6.81 22.97
C VAL A 52 -4.36 5.68 22.35
N SER A 53 -4.88 5.89 21.14
CA SER A 53 -5.86 4.96 20.57
C SER A 53 -5.33 4.03 19.50
N SER A 54 -4.28 4.44 18.79
CA SER A 54 -3.92 3.80 17.53
C SER A 54 -2.59 3.05 17.51
N GLN A 55 -1.88 3.02 18.64
CA GLN A 55 -0.67 2.21 18.72
C GLN A 55 -1.03 0.77 19.03
N LYS A 56 -0.10 -0.15 18.81
CA LYS A 56 -0.34 -1.57 19.06
C LYS A 56 -0.58 -1.83 20.54
N SER A 57 0.15 -1.12 21.39
CA SER A 57 0.08 -1.30 22.83
C SER A 57 -0.99 -0.43 23.49
N ALA A 58 -1.97 0.00 22.70
CA ALA A 58 -3.05 0.82 23.23
C ALA A 58 -3.93 0.03 24.20
N VAL A 59 -4.53 0.75 25.16
CA VAL A 59 -5.31 0.12 26.22
C VAL A 59 -6.78 0.49 26.11
N PRO A 60 -7.66 -0.53 26.02
CA PRO A 60 -9.11 -0.34 25.88
C PRO A 60 -9.72 0.56 26.95
N ALA A 61 -9.46 0.28 28.23
CA ALA A 61 -10.05 1.06 29.32
C ALA A 61 -9.67 2.54 29.21
N MET A 62 -8.41 2.80 28.85
CA MET A 62 -7.92 4.17 28.68
C MET A 62 -8.66 4.88 27.55
N VAL A 63 -8.83 4.19 26.43
CA VAL A 63 -9.54 4.74 25.29
C VAL A 63 -11.01 5.04 25.62
N GLY A 64 -11.64 4.11 26.34
CA GLY A 64 -13.02 4.28 26.76
C GLY A 64 -13.20 5.46 27.70
N ASP A 65 -12.32 5.56 28.69
CA ASP A 65 -12.34 6.69 29.62
C ASP A 65 -12.12 8.00 28.87
N TYR A 66 -11.21 7.98 27.90
CA TYR A 66 -10.91 9.17 27.12
C TYR A 66 -12.10 9.60 26.25
N ILE A 67 -12.82 8.62 25.74
CA ILE A 67 -14.02 8.88 24.96
C ILE A 67 -15.09 9.51 25.85
N ALA A 68 -15.27 8.91 27.03
CA ALA A 68 -16.20 9.44 28.02
C ALA A 68 -15.88 10.88 28.39
N ALA A 69 -14.59 11.17 28.54
CA ALA A 69 -14.15 12.52 28.87
C ALA A 69 -14.37 13.49 27.71
N PHE A 70 -14.13 13.00 26.49
CA PHE A 70 -14.36 13.79 25.29
C PHE A 70 -15.81 14.20 25.19
N GLU A 71 -16.71 13.25 25.42
CA GLU A 71 -18.13 13.55 25.42
C GLU A 71 -18.47 14.49 26.58
N ALA A 72 -17.78 14.30 27.70
CA ALA A 72 -18.00 15.14 28.88
C ALA A 72 -17.70 16.61 28.56
N VAL A 73 -16.66 16.84 27.78
CA VAL A 73 -16.37 18.19 27.30
C VAL A 73 -17.47 18.65 26.35
N SER A 74 -17.66 17.87 25.28
CA SER A 74 -18.72 18.11 24.29
C SER A 74 -18.81 16.95 23.32
N PRO A 75 -20.05 16.55 22.98
CA PRO A 75 -20.28 15.51 21.96
C PRO A 75 -19.65 15.89 20.61
N ASP A 76 -19.69 17.17 20.29
CA ASP A 76 -19.06 17.68 19.07
C ASP A 76 -17.55 17.46 19.11
N VAL A 77 -16.96 17.64 20.29
CA VAL A 77 -15.54 17.41 20.49
C VAL A 77 -15.22 15.92 20.30
N LEU A 78 -16.06 15.06 20.88
CA LEU A 78 -15.90 13.62 20.74
C LEU A 78 -15.94 13.20 19.28
N ARG A 79 -16.96 13.66 18.56
CA ARG A 79 -17.12 13.34 17.15
C ARG A 79 -15.94 13.86 16.33
N TYR A 80 -15.48 15.06 16.66
CA TYR A 80 -14.35 15.67 15.95
C TYR A 80 -13.08 14.86 16.14
N ILE A 81 -12.78 14.49 17.38
CA ILE A 81 -11.54 13.79 17.71
C ILE A 81 -11.54 12.36 17.20
N ILE A 82 -12.66 11.65 17.39
CA ILE A 82 -12.77 10.26 16.98
C ILE A 82 -12.50 10.07 15.49
N ASN A 83 -12.95 11.03 14.69
CA ASN A 83 -12.85 10.91 13.24
C ASN A 83 -11.63 11.62 12.66
N MET A 84 -10.67 11.96 13.52
CA MET A 84 -9.40 12.52 13.05
C MET A 84 -8.65 11.50 12.20
N ALA A 85 -7.95 11.98 11.19
CA ALA A 85 -7.16 11.12 10.32
C ALA A 85 -5.75 11.67 10.14
N ASP A 86 -4.76 10.78 10.08
CA ASP A 86 -3.38 11.23 9.93
C ASP A 86 -3.05 11.59 8.48
N GLY A 87 -1.76 11.68 8.19
CA GLY A 87 -1.30 12.05 6.86
C GLY A 87 -1.59 11.01 5.80
N ASN A 88 -1.89 9.79 6.23
CA ASN A 88 -2.21 8.71 5.30
C ASN A 88 -3.72 8.45 5.20
N GLY A 89 -4.49 9.33 5.82
CA GLY A 89 -5.95 9.22 5.80
C GLY A 89 -6.49 8.19 6.77
N ASN A 90 -5.59 7.63 7.59
CA ASN A 90 -5.97 6.59 8.54
C ASN A 90 -6.53 7.16 9.85
N THR A 91 -7.67 6.64 10.27
CA THR A 91 -8.27 7.04 11.53
C THR A 91 -7.99 6.01 12.61
N ALA A 92 -8.50 6.26 13.82
CA ALA A 92 -8.29 5.35 14.93
C ALA A 92 -8.92 3.99 14.66
N LEU A 93 -10.04 3.98 13.91
CA LEU A 93 -10.71 2.74 13.56
C LEU A 93 -9.82 1.88 12.66
N HIS A 94 -9.18 2.53 11.70
CA HIS A 94 -8.24 1.86 10.79
C HIS A 94 -7.14 1.14 11.55
N TYR A 95 -6.46 1.86 12.44
CA TYR A 95 -5.36 1.30 13.22
C TYR A 95 -5.85 0.24 14.20
N SER A 96 -7.04 0.45 14.75
CA SER A 96 -7.61 -0.49 15.70
C SER A 96 -7.86 -1.83 15.02
N VAL A 97 -8.44 -1.78 13.83
CA VAL A 97 -8.65 -2.97 13.03
C VAL A 97 -7.31 -3.61 12.65
N PHE A 98 -6.40 -2.79 12.14
CA PHE A 98 -5.11 -3.24 11.63
C PHE A 98 -4.25 -3.91 12.71
N HIS A 99 -4.37 -3.43 13.94
CA HIS A 99 -3.61 -3.98 15.06
C HIS A 99 -4.35 -5.11 15.75
N SER A 100 -5.54 -5.43 15.26
CA SER A 100 -6.42 -6.43 15.87
C SER A 100 -6.75 -6.10 17.33
N ASN A 101 -6.78 -4.80 17.64
CA ASN A 101 -7.28 -4.34 18.93
C ASN A 101 -8.80 -4.16 18.85
N PHE A 102 -9.52 -5.27 18.85
CA PHE A 102 -10.95 -5.25 18.56
C PHE A 102 -11.79 -4.79 19.75
N GLN A 103 -11.21 -4.78 20.94
CA GLN A 103 -11.88 -4.17 22.08
C GLN A 103 -12.01 -2.67 21.83
N ILE A 104 -10.93 -2.08 21.34
CA ILE A 104 -10.92 -0.67 20.98
C ILE A 104 -11.85 -0.40 19.79
N VAL A 105 -11.84 -1.30 18.82
CA VAL A 105 -12.79 -1.21 17.70
C VAL A 105 -14.21 -1.13 18.23
N LYS A 106 -14.54 -2.05 19.14
CA LYS A 106 -15.85 -2.10 19.77
C LYS A 106 -16.16 -0.78 20.49
N LEU A 107 -15.18 -0.25 21.20
CA LEU A 107 -15.38 1.00 21.92
C LEU A 107 -15.66 2.17 20.97
N LEU A 108 -15.00 2.15 19.81
CA LEU A 108 -15.20 3.19 18.81
C LEU A 108 -16.57 3.06 18.16
N LEU A 109 -17.02 1.83 17.96
CA LEU A 109 -18.33 1.57 17.39
C LEU A 109 -19.44 1.99 18.34
N ASP A 110 -19.26 1.68 19.63
CA ASP A 110 -20.25 1.99 20.66
C ASP A 110 -20.41 3.49 20.87
N ALA A 111 -19.42 4.26 20.41
CA ALA A 111 -19.47 5.72 20.52
C ALA A 111 -20.53 6.30 19.60
N ASP A 112 -20.89 5.53 18.58
CA ASP A 112 -21.97 5.88 17.65
C ASP A 112 -21.78 7.22 16.95
N VAL A 113 -20.55 7.71 16.89
CA VAL A 113 -20.24 8.93 16.17
C VAL A 113 -19.07 8.67 15.23
N CYS A 114 -18.67 7.41 15.13
CA CYS A 114 -17.53 7.01 14.34
C CYS A 114 -17.91 6.84 12.87
N ASN A 115 -17.19 7.53 11.99
CA ASN A 115 -17.37 7.35 10.55
C ASN A 115 -16.77 6.02 10.12
N VAL A 116 -17.61 4.99 10.08
CA VAL A 116 -17.15 3.62 9.84
C VAL A 116 -16.66 3.42 8.39
N ASP A 117 -17.15 4.23 7.48
CA ASP A 117 -16.88 4.02 6.06
C ASP A 117 -15.82 4.94 5.47
N HIS A 118 -14.99 5.52 6.33
CA HIS A 118 -13.94 6.42 5.87
C HIS A 118 -12.83 5.66 5.14
N GLN A 119 -12.55 6.06 3.90
CA GLN A 119 -11.45 5.49 3.13
C GLN A 119 -10.17 6.26 3.41
N ASN A 120 -9.09 5.55 3.69
CA ASN A 120 -7.79 6.20 3.81
C ASN A 120 -7.26 6.56 2.43
N LYS A 121 -6.09 7.17 2.37
CA LYS A 121 -5.55 7.63 1.10
C LYS A 121 -5.10 6.47 0.22
N ALA A 122 -4.91 5.30 0.83
CA ALA A 122 -4.61 4.09 0.08
C ALA A 122 -5.88 3.63 -0.65
N GLY A 123 -7.04 3.99 -0.08
CA GLY A 123 -8.31 3.72 -0.70
C GLY A 123 -9.11 2.60 -0.06
N TYR A 124 -8.74 2.22 1.16
CA TYR A 124 -9.39 1.12 1.85
C TYR A 124 -10.16 1.58 3.10
N THR A 125 -11.25 0.89 3.39
CA THR A 125 -12.06 1.16 4.58
C THR A 125 -11.62 0.28 5.74
N PRO A 126 -12.08 0.59 6.97
CA PRO A 126 -11.83 -0.32 8.09
C PRO A 126 -12.36 -1.74 7.86
N ILE A 127 -13.48 -1.86 7.14
CA ILE A 127 -14.06 -3.17 6.85
C ILE A 127 -13.16 -3.98 5.91
N MET A 128 -12.62 -3.31 4.90
CA MET A 128 -11.70 -3.96 3.97
C MET A 128 -10.43 -4.41 4.68
N LEU A 129 -9.98 -3.61 5.64
CA LEU A 129 -8.84 -3.99 6.48
C LEU A 129 -9.19 -5.18 7.35
N ALA A 130 -10.43 -5.22 7.83
CA ALA A 130 -10.90 -6.30 8.68
C ALA A 130 -10.98 -7.61 7.93
N ALA A 131 -11.30 -7.53 6.64
CA ALA A 131 -11.38 -8.70 5.78
C ALA A 131 -10.06 -9.46 5.75
N LEU A 132 -8.96 -8.74 5.96
CA LEU A 132 -7.63 -9.35 5.92
C LEU A 132 -6.94 -9.29 7.28
N ALA A 133 -7.71 -9.06 8.34
CA ALA A 133 -7.15 -8.93 9.67
C ALA A 133 -7.07 -10.26 10.40
N ALA A 134 -6.08 -10.40 11.27
CA ALA A 134 -5.93 -11.59 12.10
C ALA A 134 -6.98 -11.60 13.20
N VAL A 135 -7.79 -12.66 13.23
CA VAL A 135 -8.83 -12.79 14.24
C VAL A 135 -8.58 -14.04 15.08
N GLU A 136 -8.14 -13.83 16.32
CA GLU A 136 -7.75 -14.93 17.19
C GLU A 136 -8.95 -15.67 17.79
N ALA A 137 -9.70 -14.99 18.65
CA ALA A 137 -10.81 -15.61 19.36
C ALA A 137 -12.16 -15.29 18.74
N GLU A 138 -13.21 -15.87 19.30
CA GLU A 138 -14.57 -15.66 18.79
C GLU A 138 -15.08 -14.26 19.12
N LYS A 139 -14.61 -13.70 20.23
CA LYS A 139 -14.98 -12.33 20.63
C LYS A 139 -14.57 -11.35 19.54
N ASP A 140 -13.33 -11.48 19.11
CA ASP A 140 -12.78 -10.66 18.03
C ASP A 140 -13.63 -10.75 16.78
N MET A 141 -14.02 -11.96 16.40
CA MET A 141 -14.83 -12.15 15.21
C MET A 141 -16.22 -11.56 15.39
N GLN A 142 -16.72 -11.56 16.61
CA GLN A 142 -17.99 -10.92 16.92
C GLN A 142 -17.89 -9.43 16.66
N VAL A 143 -16.82 -8.83 17.17
CA VAL A 143 -16.56 -7.41 16.92
C VAL A 143 -16.46 -7.13 15.43
N VAL A 144 -15.75 -8.00 14.72
CA VAL A 144 -15.57 -7.89 13.27
C VAL A 144 -16.91 -7.90 12.54
N GLU A 145 -17.81 -8.80 12.95
CA GLU A 145 -19.11 -8.91 12.31
C GLU A 145 -19.97 -7.69 12.64
N GLU A 146 -19.83 -7.18 13.86
CA GLU A 146 -20.55 -5.96 14.22
C GLU A 146 -20.08 -4.78 13.37
N LEU A 147 -18.77 -4.74 13.10
CA LEU A 147 -18.19 -3.74 12.19
C LEU A 147 -18.76 -3.89 10.78
N PHE A 148 -18.81 -5.14 10.29
CA PHE A 148 -19.38 -5.44 8.99
C PHE A 148 -20.82 -4.95 8.86
N SER A 149 -21.60 -5.20 9.90
CA SER A 149 -23.02 -4.83 9.90
C SER A 149 -23.23 -3.34 10.08
N CYS A 150 -22.31 -2.67 10.79
CA CYS A 150 -22.43 -1.23 11.02
C CYS A 150 -22.19 -0.42 9.76
N GLY A 151 -21.09 -0.71 9.07
CA GLY A 151 -20.68 0.08 7.93
C GLY A 151 -21.15 -0.44 6.58
N ASP A 152 -20.58 0.12 5.52
CA ASP A 152 -20.91 -0.28 4.16
C ASP A 152 -20.08 -1.48 3.75
N VAL A 153 -20.64 -2.67 3.94
CA VAL A 153 -19.95 -3.92 3.66
C VAL A 153 -19.68 -4.08 2.15
N ASN A 154 -20.46 -3.36 1.34
CA ASN A 154 -20.37 -3.49 -0.10
C ASN A 154 -19.56 -2.38 -0.78
N ALA A 155 -18.83 -1.61 0.02
CA ALA A 155 -18.00 -0.53 -0.50
C ALA A 155 -16.87 -1.10 -1.35
N LYS A 156 -16.36 -0.28 -2.27
CA LYS A 156 -15.30 -0.70 -3.18
C LYS A 156 -14.05 0.14 -3.00
N ALA A 157 -12.90 -0.53 -2.95
CA ALA A 157 -11.62 0.15 -2.79
C ALA A 157 -11.35 1.07 -3.96
N SER A 158 -10.60 2.14 -3.72
CA SER A 158 -10.35 3.14 -4.76
C SER A 158 -9.45 2.62 -5.87
N GLN A 159 -8.49 1.76 -5.50
CA GLN A 159 -7.50 1.29 -6.44
C GLN A 159 -8.08 0.40 -7.53
N ALA A 160 -8.57 -0.77 -7.15
CA ALA A 160 -9.03 -1.76 -8.14
C ALA A 160 -10.51 -2.08 -8.01
N GLY A 161 -11.23 -1.28 -7.22
CA GLY A 161 -12.66 -1.48 -7.05
C GLY A 161 -13.00 -2.74 -6.28
N GLN A 162 -12.07 -3.18 -5.44
CA GLN A 162 -12.24 -4.41 -4.67
C GLN A 162 -13.16 -4.19 -3.47
N THR A 163 -14.07 -5.15 -3.24
CA THR A 163 -14.87 -5.13 -2.03
C THR A 163 -14.21 -6.00 -0.96
N ALA A 164 -14.71 -5.92 0.26
CA ALA A 164 -14.18 -6.74 1.35
C ALA A 164 -14.32 -8.23 1.04
N LEU A 165 -15.45 -8.59 0.44
CA LEU A 165 -15.71 -9.98 0.06
C LEU A 165 -14.68 -10.48 -0.95
N MET A 166 -14.38 -9.65 -1.94
CA MET A 166 -13.40 -10.01 -2.97
C MET A 166 -12.01 -10.20 -2.36
N LEU A 167 -11.64 -9.33 -1.43
CA LEU A 167 -10.35 -9.41 -0.77
C LEU A 167 -10.25 -10.67 0.09
N ALA A 168 -11.32 -10.97 0.82
CA ALA A 168 -11.37 -12.16 1.65
C ALA A 168 -11.29 -13.44 0.80
N VAL A 169 -12.00 -13.45 -0.32
CA VAL A 169 -11.99 -14.57 -1.24
C VAL A 169 -10.62 -14.78 -1.88
N SER A 170 -10.00 -13.68 -2.29
CA SER A 170 -8.70 -13.70 -2.97
C SER A 170 -7.62 -14.38 -2.13
N HIS A 171 -7.74 -14.28 -0.82
CA HIS A 171 -6.76 -14.87 0.09
C HIS A 171 -7.27 -16.19 0.68
N GLY A 172 -8.43 -16.64 0.21
CA GLY A 172 -8.98 -17.92 0.63
C GLY A 172 -9.40 -17.99 2.08
N ARG A 173 -9.90 -16.88 2.62
CA ARG A 173 -10.31 -16.83 4.01
C ARG A 173 -11.76 -17.27 4.17
N ILE A 174 -11.96 -18.58 4.35
CA ILE A 174 -13.29 -19.17 4.39
C ILE A 174 -14.19 -18.58 5.48
N ASP A 175 -13.69 -18.56 6.71
CA ASP A 175 -14.46 -18.03 7.84
C ASP A 175 -14.82 -16.56 7.66
N MET A 176 -13.89 -15.79 7.09
CA MET A 176 -14.12 -14.38 6.85
C MET A 176 -15.19 -14.18 5.78
N VAL A 177 -15.18 -15.05 4.77
CA VAL A 177 -16.21 -15.03 3.73
C VAL A 177 -17.57 -15.36 4.34
N LYS A 178 -17.59 -16.36 5.21
CA LYS A 178 -18.80 -16.73 5.95
C LYS A 178 -19.34 -15.52 6.72
N GLY A 179 -18.45 -14.84 7.43
CA GLY A 179 -18.82 -13.67 8.21
C GLY A 179 -19.38 -12.56 7.35
N LEU A 180 -18.70 -12.27 6.25
CA LEU A 180 -19.14 -11.22 5.33
C LEU A 180 -20.51 -11.54 4.73
N LEU A 181 -20.72 -12.80 4.38
CA LEU A 181 -22.01 -13.23 3.84
C LEU A 181 -23.10 -13.11 4.90
N ALA A 182 -22.76 -13.44 6.13
CA ALA A 182 -23.71 -13.37 7.24
C ALA A 182 -24.09 -11.92 7.55
N CYS A 183 -23.24 -10.99 7.14
CA CYS A 183 -23.48 -9.57 7.41
C CYS A 183 -23.93 -8.81 6.16
N GLY A 184 -24.45 -9.55 5.18
CA GLY A 184 -25.11 -8.94 4.03
C GLY A 184 -24.23 -8.46 2.90
N ALA A 185 -23.06 -9.07 2.74
CA ALA A 185 -22.18 -8.72 1.62
C ALA A 185 -22.79 -9.19 0.30
N ASP A 186 -22.85 -8.28 -0.68
CA ASP A 186 -23.38 -8.62 -2.00
C ASP A 186 -22.37 -9.47 -2.76
N VAL A 187 -22.85 -10.57 -3.33
CA VAL A 187 -21.98 -11.51 -4.05
C VAL A 187 -21.78 -11.07 -5.50
N ASN A 188 -22.79 -10.43 -6.07
CA ASN A 188 -22.81 -10.12 -7.49
C ASN A 188 -22.12 -8.81 -7.88
N ILE A 189 -21.51 -8.13 -6.93
CA ILE A 189 -20.80 -6.89 -7.22
C ILE A 189 -19.53 -7.17 -8.03
N GLN A 190 -19.23 -6.30 -8.99
CA GLN A 190 -18.07 -6.47 -9.86
C GLN A 190 -17.03 -5.37 -9.62
N ASP A 191 -15.76 -5.72 -9.80
CA ASP A 191 -14.67 -4.76 -9.61
C ASP A 191 -14.38 -3.97 -10.89
N ASP A 192 -13.22 -3.31 -10.93
CA ASP A 192 -12.82 -2.52 -12.10
C ASP A 192 -12.68 -3.37 -13.35
N GLU A 193 -12.30 -4.64 -13.18
CA GLU A 193 -12.09 -5.54 -14.29
C GLU A 193 -13.36 -6.32 -14.62
N GLY A 194 -14.41 -6.09 -13.83
CA GLY A 194 -15.67 -6.79 -14.03
C GLY A 194 -15.72 -8.13 -13.34
N SER A 195 -14.72 -8.39 -12.50
CA SER A 195 -14.61 -9.67 -11.80
C SER A 195 -15.49 -9.72 -10.56
N THR A 196 -16.06 -10.89 -10.30
CA THR A 196 -16.83 -11.11 -9.08
C THR A 196 -16.05 -12.01 -8.11
N ALA A 197 -16.58 -12.13 -6.89
CA ALA A 197 -15.99 -13.03 -5.91
C ALA A 197 -16.03 -14.46 -6.41
N LEU A 198 -17.07 -14.81 -7.14
CA LEU A 198 -17.23 -16.14 -7.71
C LEU A 198 -16.12 -16.43 -8.72
N MET A 199 -15.86 -15.47 -9.60
CA MET A 199 -14.79 -15.60 -10.58
C MET A 199 -13.43 -15.75 -9.92
N CYS A 200 -13.19 -14.94 -8.88
CA CYS A 200 -11.93 -14.99 -8.13
CA CYS A 200 -11.94 -14.98 -8.16
C CYS A 200 -11.73 -16.35 -7.50
N ALA A 201 -12.77 -16.84 -6.83
CA ALA A 201 -12.73 -18.13 -6.16
C ALA A 201 -12.52 -19.26 -7.16
N SER A 202 -13.12 -19.12 -8.34
CA SER A 202 -12.99 -20.13 -9.38
C SER A 202 -11.57 -20.15 -9.94
N GLU A 203 -10.99 -18.96 -10.12
CA GLU A 203 -9.64 -18.85 -10.65
C GLU A 203 -8.60 -19.37 -9.66
N HIS A 204 -8.74 -18.97 -8.41
CA HIS A 204 -7.80 -19.39 -7.37
C HIS A 204 -8.02 -20.84 -6.96
N GLY A 205 -9.21 -21.36 -7.25
CA GLY A 205 -9.51 -22.76 -7.00
C GLY A 205 -10.00 -23.05 -5.59
N HIS A 206 -10.71 -22.10 -5.00
CA HIS A 206 -11.26 -22.30 -3.66
C HIS A 206 -12.63 -22.96 -3.76
N VAL A 207 -12.66 -24.29 -3.65
CA VAL A 207 -13.88 -25.05 -3.81
C VAL A 207 -14.94 -24.70 -2.76
N GLU A 208 -14.54 -24.70 -1.50
CA GLU A 208 -15.46 -24.41 -0.40
C GLU A 208 -16.06 -23.01 -0.51
N ILE A 209 -15.23 -22.05 -0.91
CA ILE A 209 -15.70 -20.68 -1.09
C ILE A 209 -16.68 -20.57 -2.26
N VAL A 210 -16.38 -21.30 -3.34
CA VAL A 210 -17.30 -21.39 -4.48
C VAL A 210 -18.65 -21.93 -4.03
N LYS A 211 -18.62 -22.99 -3.23
CA LYS A 211 -19.84 -23.57 -2.67
C LYS A 211 -20.59 -22.57 -1.80
N LEU A 212 -19.84 -21.79 -1.02
CA LEU A 212 -20.43 -20.78 -0.15
C LEU A 212 -21.16 -19.71 -0.96
N LEU A 213 -20.50 -19.23 -2.02
CA LEU A 213 -21.05 -18.18 -2.85
C LEU A 213 -22.27 -18.67 -3.63
N LEU A 214 -22.16 -19.86 -4.22
CA LEU A 214 -23.27 -20.42 -5.00
C LEU A 214 -24.50 -20.68 -4.15
N ALA A 215 -24.28 -20.94 -2.85
CA ALA A 215 -25.38 -21.24 -1.93
C ALA A 215 -26.15 -19.99 -1.53
N GLN A 216 -25.61 -18.82 -1.84
CA GLN A 216 -26.30 -17.56 -1.53
C GLN A 216 -27.43 -17.30 -2.52
N PRO A 217 -28.62 -16.97 -2.00
CA PRO A 217 -29.79 -16.68 -2.83
C PRO A 217 -29.54 -15.53 -3.81
N GLY A 218 -29.67 -15.80 -5.10
CA GLY A 218 -29.53 -14.77 -6.12
C GLY A 218 -28.11 -14.60 -6.64
N CYS A 219 -27.24 -15.56 -6.32
CA CYS A 219 -25.90 -15.55 -6.88
C CYS A 219 -25.97 -15.67 -8.40
N ASN A 220 -25.41 -14.67 -9.09
CA ASN A 220 -25.50 -14.61 -10.55
C ASN A 220 -24.22 -15.11 -11.22
N GLY A 221 -24.26 -16.33 -11.72
CA GLY A 221 -23.10 -16.92 -12.37
C GLY A 221 -23.04 -16.63 -13.86
N HIS A 222 -23.94 -15.78 -14.33
CA HIS A 222 -23.97 -15.39 -15.74
C HIS A 222 -23.08 -14.17 -16.01
N LEU A 223 -22.72 -13.47 -14.94
CA LEU A 223 -21.92 -12.25 -15.06
C LEU A 223 -20.59 -12.52 -15.76
N GLU A 224 -20.13 -11.55 -16.54
CA GLU A 224 -18.89 -11.66 -17.29
C GLU A 224 -17.94 -10.53 -16.94
N ASP A 225 -16.64 -10.81 -16.91
CA ASP A 225 -15.66 -9.74 -16.71
C ASP A 225 -15.48 -8.98 -18.02
N ASN A 226 -14.54 -8.03 -18.03
CA ASN A 226 -14.34 -7.19 -19.21
C ASN A 226 -13.78 -7.96 -20.40
N ASP A 227 -13.30 -9.18 -20.18
CA ASP A 227 -12.81 -10.02 -21.25
C ASP A 227 -13.91 -10.92 -21.79
N GLY A 228 -15.07 -10.90 -21.13
CA GLY A 228 -16.21 -11.70 -21.54
C GLY A 228 -16.20 -13.07 -20.88
N SER A 229 -15.35 -13.23 -19.87
CA SER A 229 -15.20 -14.51 -19.17
C SER A 229 -16.20 -14.64 -18.04
N THR A 230 -16.81 -15.81 -17.93
CA THR A 230 -17.64 -16.14 -16.78
C THR A 230 -16.83 -16.96 -15.79
N ALA A 231 -17.40 -17.21 -14.61
CA ALA A 231 -16.72 -18.02 -13.60
C ALA A 231 -16.51 -19.44 -14.12
N LEU A 232 -17.45 -19.90 -14.94
CA LEU A 232 -17.36 -21.23 -15.55
C LEU A 232 -16.18 -21.33 -16.51
N SER A 233 -16.09 -20.37 -17.44
CA SER A 233 -15.01 -20.36 -18.42
C SER A 233 -13.65 -20.17 -17.76
N ILE A 234 -13.64 -19.40 -16.67
CA ILE A 234 -12.43 -19.17 -15.91
C ILE A 234 -11.98 -20.45 -15.20
N ALA A 235 -12.94 -21.15 -14.60
CA ALA A 235 -12.66 -22.42 -13.93
C ALA A 235 -12.14 -23.45 -14.91
N LEU A 236 -12.80 -23.56 -16.06
CA LEU A 236 -12.38 -24.47 -17.12
C LEU A 236 -10.98 -24.13 -17.63
N GLU A 237 -10.73 -22.85 -17.85
CA GLU A 237 -9.45 -22.39 -18.38
C GLU A 237 -8.32 -22.62 -17.38
N ALA A 238 -8.66 -22.59 -16.10
CA ALA A 238 -7.65 -22.74 -15.04
C ALA A 238 -7.48 -24.19 -14.63
N GLY A 239 -8.23 -25.08 -15.26
CA GLY A 239 -8.09 -26.51 -15.02
C GLY A 239 -8.77 -27.01 -13.76
N HIS A 240 -9.65 -26.20 -13.19
CA HIS A 240 -10.40 -26.60 -12.00
C HIS A 240 -11.73 -27.25 -12.41
N LYS A 241 -11.69 -28.55 -12.70
CA LYS A 241 -12.84 -29.21 -13.30
C LYS A 241 -13.99 -29.44 -12.32
N ASP A 242 -13.67 -29.68 -11.05
CA ASP A 242 -14.72 -29.89 -10.05
C ASP A 242 -15.55 -28.62 -9.86
N ILE A 243 -14.85 -27.49 -9.71
CA ILE A 243 -15.49 -26.20 -9.63
C ILE A 243 -16.29 -25.92 -10.90
N ALA A 244 -15.73 -26.31 -12.05
CA ALA A 244 -16.41 -26.11 -13.33
C ALA A 244 -17.72 -26.90 -13.39
N VAL A 245 -17.72 -28.09 -12.81
CA VAL A 245 -18.92 -28.92 -12.76
C VAL A 245 -19.94 -28.31 -11.81
N LEU A 246 -19.47 -27.80 -10.67
CA LEU A 246 -20.33 -27.08 -9.73
C LEU A 246 -21.04 -25.92 -10.42
N LEU A 247 -20.26 -25.08 -11.07
CA LEU A 247 -20.77 -23.90 -11.74
C LEU A 247 -21.70 -24.25 -12.89
N TYR A 248 -21.36 -25.29 -13.65
CA TYR A 248 -22.21 -25.71 -14.75
C TYR A 248 -23.55 -26.19 -14.24
N ALA A 249 -23.51 -27.04 -13.22
CA ALA A 249 -24.73 -27.56 -12.60
C ALA A 249 -25.58 -26.42 -12.06
N HIS A 250 -24.91 -25.39 -11.56
CA HIS A 250 -25.61 -24.23 -11.02
C HIS A 250 -26.29 -23.42 -12.11
N LEU A 251 -25.60 -23.21 -13.23
CA LEU A 251 -26.10 -22.35 -14.29
C LEU A 251 -27.19 -22.99 -15.15
N ASN A 252 -27.09 -24.29 -15.37
CA ASN A 252 -27.91 -24.94 -16.38
C ASN A 252 -28.85 -26.02 -15.86
N PHE A 253 -29.45 -25.77 -14.69
CA PHE A 253 -30.45 -26.68 -14.14
C PHE A 253 -31.73 -25.94 -13.81
N SER B 29 29.04 6.86 -22.10
CA SER B 29 29.35 8.26 -21.84
C SER B 29 28.88 9.14 -23.00
N ASN B 30 27.57 9.38 -23.07
CA ASN B 30 27.02 10.21 -24.13
C ASN B 30 26.40 11.49 -23.56
N TRP B 31 26.74 11.80 -22.31
CA TRP B 31 26.21 12.99 -21.65
C TRP B 31 27.34 13.85 -21.11
N ASN B 32 27.23 15.16 -21.29
CA ASN B 32 28.31 16.08 -20.97
C ASN B 32 28.51 16.34 -19.48
N GLU B 33 27.49 16.92 -18.84
CA GLU B 33 27.61 17.45 -17.49
C GLU B 33 28.02 16.41 -16.44
N ILE B 34 29.04 16.78 -15.66
CA ILE B 34 29.49 15.98 -14.53
C ILE B 34 29.70 16.89 -13.33
N VAL B 35 29.08 16.55 -12.21
CA VAL B 35 29.11 17.40 -11.02
C VAL B 35 29.79 16.72 -9.83
N ASP B 36 30.86 17.34 -9.34
CA ASP B 36 31.73 16.70 -8.34
C ASP B 36 31.25 16.91 -6.90
N SER B 37 30.07 17.51 -6.73
CA SER B 37 29.57 17.80 -5.39
C SER B 37 28.07 17.60 -5.27
N PHE B 38 27.65 17.00 -4.16
CA PHE B 38 26.23 16.81 -3.86
C PHE B 38 25.53 18.16 -3.70
N ASP B 39 26.30 19.16 -3.28
CA ASP B 39 25.75 20.49 -3.02
C ASP B 39 25.32 21.19 -4.30
N ASP B 40 25.82 20.73 -5.44
CA ASP B 40 25.51 21.35 -6.72
C ASP B 40 24.45 20.55 -7.49
N MET B 41 24.10 19.38 -6.96
CA MET B 41 23.19 18.47 -7.66
C MET B 41 21.71 18.87 -7.52
N ASN B 42 21.47 20.08 -7.03
CA ASN B 42 20.13 20.64 -6.94
C ASN B 42 19.18 19.76 -6.12
N LEU B 43 19.70 19.17 -5.04
CA LEU B 43 18.90 18.33 -4.17
C LEU B 43 18.27 19.14 -3.04
N SER B 44 17.14 18.66 -2.53
CA SER B 44 16.51 19.31 -1.38
C SER B 44 17.42 19.18 -0.17
N GLU B 45 17.30 20.11 0.77
CA GLU B 45 18.18 20.16 1.93
C GLU B 45 17.99 18.94 2.84
N SER B 46 16.78 18.39 2.84
CA SER B 46 16.50 17.20 3.63
C SER B 46 17.31 16.01 3.12
N LEU B 47 17.25 15.79 1.81
CA LEU B 47 18.00 14.72 1.17
C LEU B 47 19.50 14.90 1.36
N LEU B 48 19.97 16.14 1.24
CA LEU B 48 21.38 16.44 1.41
C LEU B 48 21.84 16.12 2.82
N ARG B 49 21.04 16.55 3.81
CA ARG B 49 21.31 16.25 5.21
C ARG B 49 21.36 14.74 5.44
N GLY B 50 20.43 14.02 4.83
CA GLY B 50 20.42 12.57 4.91
C GLY B 50 21.67 11.94 4.34
N ILE B 51 22.12 12.48 3.21
CA ILE B 51 23.33 12.01 2.54
C ILE B 51 24.56 12.19 3.42
N TYR B 52 24.77 13.40 3.91
CA TYR B 52 25.95 13.71 4.70
C TYR B 52 25.91 13.04 6.07
N ALA B 53 24.70 12.78 6.58
CA ALA B 53 24.56 12.09 7.85
C ALA B 53 24.80 10.59 7.67
N TYR B 54 24.50 10.07 6.49
CA TYR B 54 24.68 8.66 6.20
C TYR B 54 26.16 8.27 6.22
N GLY B 55 27.01 9.17 5.71
CA GLY B 55 28.44 8.93 5.74
C GLY B 55 29.16 9.25 4.44
N PHE B 56 28.43 9.85 3.50
CA PHE B 56 29.03 10.23 2.22
C PHE B 56 29.70 11.61 2.29
N GLU B 57 30.70 11.81 1.44
CA GLU B 57 31.38 13.11 1.36
C GLU B 57 31.28 13.65 -0.06
N LYS B 58 32.15 13.17 -0.93
CA LYS B 58 32.11 13.54 -2.34
C LYS B 58 31.60 12.37 -3.17
N PRO B 59 30.81 12.66 -4.21
CA PRO B 59 30.22 11.61 -5.05
C PRO B 59 31.27 10.88 -5.88
N SER B 60 31.10 9.56 -6.05
CA SER B 60 31.95 8.82 -6.98
C SER B 60 31.54 9.16 -8.40
N ALA B 61 32.38 8.82 -9.37
CA ALA B 61 32.19 9.22 -10.76
C ALA B 61 30.81 8.91 -11.31
N ILE B 62 30.31 7.71 -10.99
CA ILE B 62 29.02 7.25 -11.50
C ILE B 62 27.88 8.17 -11.06
N GLN B 63 27.91 8.61 -9.80
CA GLN B 63 26.91 9.54 -9.29
C GLN B 63 27.05 10.89 -9.99
N GLN B 64 28.28 11.37 -10.05
CA GLN B 64 28.60 12.65 -10.67
C GLN B 64 28.10 12.74 -12.11
N ARG B 65 28.09 11.61 -12.80
CA ARG B 65 27.71 11.59 -14.21
C ARG B 65 26.23 11.24 -14.43
N ALA B 66 25.64 10.46 -13.52
CA ALA B 66 24.33 9.88 -13.77
C ALA B 66 23.17 10.47 -12.96
N ILE B 67 23.47 11.04 -11.79
CA ILE B 67 22.40 11.46 -10.89
C ILE B 67 21.49 12.54 -11.48
N LEU B 68 22.06 13.60 -12.03
CA LEU B 68 21.27 14.72 -12.55
C LEU B 68 20.33 14.36 -13.71
N PRO B 69 20.83 13.69 -14.76
CA PRO B 69 19.89 13.42 -15.86
C PRO B 69 18.85 12.36 -15.50
N CYS B 70 19.08 11.64 -14.40
CA CYS B 70 18.14 10.66 -13.92
C CYS B 70 16.97 11.35 -13.21
N ILE B 71 17.29 12.38 -12.43
CA ILE B 71 16.28 13.21 -11.79
C ILE B 71 15.48 13.95 -12.85
N LYS B 72 16.15 14.32 -13.94
CA LYS B 72 15.51 15.00 -15.06
C LYS B 72 14.45 14.13 -15.73
N GLY B 73 14.59 12.82 -15.59
CA GLY B 73 13.58 11.90 -16.08
C GLY B 73 13.99 11.09 -17.31
N TYR B 74 15.23 11.27 -17.74
CA TYR B 74 15.74 10.54 -18.90
C TYR B 74 15.89 9.06 -18.62
N ASP B 75 15.67 8.22 -19.64
CA ASP B 75 16.00 6.81 -19.54
C ASP B 75 17.52 6.69 -19.41
N VAL B 76 17.98 5.80 -18.54
CA VAL B 76 19.41 5.71 -18.26
C VAL B 76 19.93 4.28 -18.25
N ILE B 77 21.05 4.05 -18.92
CA ILE B 77 21.74 2.76 -18.86
C ILE B 77 23.12 2.94 -18.22
N ALA B 78 23.35 2.26 -17.10
CA ALA B 78 24.61 2.37 -16.39
C ALA B 78 25.33 1.04 -16.30
N GLN B 79 26.59 1.01 -16.75
CA GLN B 79 27.38 -0.21 -16.71
C GLN B 79 28.60 -0.05 -15.82
N ALA B 80 28.45 -0.40 -14.55
CA ALA B 80 29.54 -0.31 -13.58
C ALA B 80 29.59 -1.55 -12.71
N GLN B 81 30.76 -1.81 -12.12
CA GLN B 81 30.95 -3.00 -11.30
C GLN B 81 30.26 -2.86 -9.95
N SER B 82 30.00 -4.01 -9.31
CA SER B 82 29.36 -4.01 -8.00
C SER B 82 30.31 -3.54 -6.91
N GLY B 83 30.23 -2.26 -6.58
CA GLY B 83 31.09 -1.67 -5.57
C GLY B 83 31.62 -0.31 -6.00
N THR B 84 30.97 0.28 -7.00
CA THR B 84 31.38 1.57 -7.52
C THR B 84 30.45 2.69 -7.05
N GLY B 85 29.50 2.34 -6.18
CA GLY B 85 28.55 3.31 -5.66
C GLY B 85 27.31 3.41 -6.53
N LYS B 86 26.83 2.26 -7.00
CA LYS B 86 25.69 2.21 -7.90
C LYS B 86 24.37 2.48 -7.20
N THR B 87 24.21 1.92 -6.01
CA THR B 87 22.96 2.03 -5.25
C THR B 87 22.58 3.47 -4.95
N ALA B 88 23.53 4.21 -4.40
CA ALA B 88 23.29 5.60 -3.97
C ALA B 88 22.85 6.49 -5.12
N THR B 89 23.23 6.14 -6.35
CA THR B 89 22.86 6.92 -7.52
C THR B 89 21.35 6.98 -7.70
N PHE B 90 20.74 5.84 -7.98
CA PHE B 90 19.30 5.80 -8.20
C PHE B 90 18.54 5.97 -6.89
N ALA B 91 19.20 5.70 -5.76
CA ALA B 91 18.59 6.00 -4.46
C ALA B 91 18.35 7.49 -4.32
N ILE B 92 19.39 8.28 -4.60
CA ILE B 92 19.30 9.73 -4.54
C ILE B 92 18.33 10.27 -5.59
N SER B 93 18.44 9.78 -6.82
CA SER B 93 17.56 10.22 -7.89
C SER B 93 16.09 9.99 -7.55
N ILE B 94 15.77 8.78 -7.10
CA ILE B 94 14.41 8.44 -6.70
C ILE B 94 13.94 9.30 -5.53
N LEU B 95 14.74 9.36 -4.47
CA LEU B 95 14.39 10.12 -3.27
C LEU B 95 14.14 11.60 -3.59
N GLN B 96 14.84 12.13 -4.58
CA GLN B 96 14.65 13.51 -5.00
C GLN B 96 13.39 13.65 -5.86
N GLN B 97 13.10 12.63 -6.65
CA GLN B 97 11.94 12.65 -7.54
C GLN B 97 10.60 12.59 -6.82
N ILE B 98 10.57 11.94 -5.65
CA ILE B 98 9.32 11.65 -4.96
C ILE B 98 8.53 12.88 -4.53
N GLU B 99 7.24 12.88 -4.87
CA GLU B 99 6.29 13.84 -4.32
C GLU B 99 5.72 13.28 -3.03
N LEU B 100 6.21 13.79 -1.90
CA LEU B 100 5.93 13.20 -0.59
C LEU B 100 4.47 13.30 -0.16
N ASP B 101 3.78 14.35 -0.60
CA ASP B 101 2.39 14.54 -0.22
C ASP B 101 1.45 13.62 -1.02
N LEU B 102 1.99 12.98 -2.04
CA LEU B 102 1.25 11.96 -2.78
C LEU B 102 1.42 10.61 -2.11
N LYS B 103 0.38 10.17 -1.41
CA LYS B 103 0.45 8.92 -0.67
C LYS B 103 0.17 7.72 -1.58
N ALA B 104 1.04 7.53 -2.56
CA ALA B 104 0.92 6.41 -3.49
C ALA B 104 2.30 5.99 -3.99
N THR B 105 2.39 4.76 -4.50
CA THR B 105 3.66 4.26 -5.02
C THR B 105 4.08 5.04 -6.26
N GLN B 106 5.34 5.49 -6.25
CA GLN B 106 5.84 6.33 -7.34
C GLN B 106 7.10 5.76 -7.97
N ALA B 107 7.77 4.86 -7.24
CA ALA B 107 9.01 4.27 -7.75
C ALA B 107 9.07 2.78 -7.48
N LEU B 108 9.50 2.02 -8.48
CA LEU B 108 9.63 0.58 -8.37
C LEU B 108 11.05 0.13 -8.72
N VAL B 109 11.67 -0.60 -7.81
CA VAL B 109 13.04 -1.07 -7.97
C VAL B 109 13.11 -2.60 -7.91
N LEU B 110 13.80 -3.21 -8.87
CA LEU B 110 13.93 -4.64 -8.91
C LEU B 110 15.35 -5.10 -8.57
N ALA B 111 15.46 -6.23 -7.89
CA ALA B 111 16.74 -6.80 -7.48
C ALA B 111 16.73 -8.31 -7.66
N PRO B 112 17.90 -8.89 -7.96
CA PRO B 112 18.01 -10.34 -8.18
C PRO B 112 17.71 -11.19 -6.94
N THR B 113 18.00 -10.66 -5.75
CA THR B 113 17.82 -11.44 -4.52
C THR B 113 17.10 -10.67 -3.41
N ARG B 114 16.69 -11.40 -2.38
CA ARG B 114 16.05 -10.81 -1.21
C ARG B 114 17.02 -9.93 -0.45
N GLU B 115 18.22 -10.43 -0.24
CA GLU B 115 19.23 -9.73 0.54
C GLU B 115 19.59 -8.39 -0.09
N LEU B 116 19.71 -8.37 -1.41
CA LEU B 116 20.04 -7.15 -2.13
C LEU B 116 18.90 -6.13 -2.05
N ALA B 117 17.67 -6.63 -2.14
CA ALA B 117 16.50 -5.76 -2.05
C ALA B 117 16.41 -5.12 -0.66
N GLN B 118 16.67 -5.93 0.36
CA GLN B 118 16.68 -5.44 1.74
C GLN B 118 17.78 -4.42 1.95
N GLN B 119 18.94 -4.67 1.33
CA GLN B 119 20.06 -3.75 1.41
C GLN B 119 19.71 -2.41 0.78
N ILE B 120 19.14 -2.45 -0.42
CA ILE B 120 18.71 -1.26 -1.13
C ILE B 120 17.67 -0.49 -0.33
N GLN B 121 16.73 -1.22 0.28
CA GLN B 121 15.72 -0.58 1.11
C GLN B 121 16.34 0.12 2.31
N LYS B 122 17.32 -0.54 2.94
CA LYS B 122 18.02 0.03 4.08
C LYS B 122 18.74 1.31 3.68
N VAL B 123 19.41 1.27 2.54
CA VAL B 123 20.13 2.44 2.03
C VAL B 123 19.18 3.60 1.74
N VAL B 124 18.09 3.31 1.03
CA VAL B 124 17.08 4.31 0.69
C VAL B 124 16.50 4.95 1.95
N MET B 125 16.10 4.12 2.91
CA MET B 125 15.52 4.60 4.17
C MET B 125 16.54 5.39 4.98
N ALA B 126 17.82 5.05 4.83
CA ALA B 126 18.88 5.75 5.56
C ALA B 126 19.16 7.13 4.96
N LEU B 127 19.11 7.22 3.63
CA LEU B 127 19.34 8.48 2.95
C LEU B 127 18.12 9.39 3.05
N GLY B 128 16.97 8.80 3.38
CA GLY B 128 15.74 9.54 3.52
C GLY B 128 15.25 9.60 4.95
N ASP B 129 16.20 9.59 5.89
CA ASP B 129 15.87 9.64 7.31
C ASP B 129 15.32 11.01 7.69
N TYR B 130 15.60 12.01 6.87
CA TYR B 130 15.20 13.38 7.15
C TYR B 130 14.12 13.86 6.18
N MET B 131 13.62 12.97 5.33
CA MET B 131 12.70 13.36 4.28
C MET B 131 11.24 13.08 4.62
N GLY B 132 10.93 11.82 4.92
CA GLY B 132 9.57 11.44 5.24
C GLY B 132 8.94 10.56 4.17
N ALA B 133 9.79 9.89 3.39
CA ALA B 133 9.31 8.98 2.36
C ALA B 133 9.30 7.55 2.87
N SER B 134 8.44 6.73 2.29
CA SER B 134 8.29 5.34 2.73
C SER B 134 8.88 4.37 1.71
N CYS B 135 9.53 3.33 2.21
CA CYS B 135 10.17 2.33 1.34
C CYS B 135 9.89 0.92 1.83
N HIS B 136 9.17 0.14 1.03
CA HIS B 136 8.82 -1.23 1.38
C HIS B 136 9.56 -2.24 0.52
N ALA B 137 9.85 -3.41 1.09
CA ALA B 137 10.59 -4.45 0.39
C ALA B 137 9.71 -5.64 0.01
N CYS B 138 9.58 -5.89 -1.29
CA CYS B 138 8.83 -7.05 -1.78
C CYS B 138 9.72 -8.27 -1.93
N ILE B 139 9.82 -9.05 -0.85
CA ILE B 139 10.58 -10.28 -0.83
C ILE B 139 9.64 -11.48 -0.67
N GLY B 140 10.15 -12.67 -0.96
CA GLY B 140 9.32 -13.87 -0.96
C GLY B 140 9.33 -14.68 0.32
N GLY B 141 9.97 -14.15 1.36
CA GLY B 141 10.05 -14.83 2.63
C GLY B 141 9.00 -14.35 3.62
N THR B 142 8.09 -13.51 3.14
CA THR B 142 7.08 -12.90 3.99
C THR B 142 5.70 -13.52 3.78
N ASN B 143 4.83 -13.36 4.77
CA ASN B 143 3.44 -13.77 4.65
C ASN B 143 2.67 -12.77 3.80
N VAL B 144 2.06 -13.24 2.73
CA VAL B 144 1.38 -12.38 1.77
C VAL B 144 0.29 -11.53 2.42
N ARG B 145 -0.53 -12.16 3.25
CA ARG B 145 -1.67 -11.50 3.90
C ARG B 145 -1.26 -10.24 4.66
N ALA B 146 -0.39 -10.40 5.64
CA ALA B 146 0.06 -9.28 6.46
C ALA B 146 0.68 -8.15 5.65
N GLU B 147 1.48 -8.53 4.65
CA GLU B 147 2.10 -7.55 3.76
C GLU B 147 1.03 -6.75 3.02
N VAL B 148 0.02 -7.45 2.54
CA VAL B 148 -1.08 -6.80 1.83
C VAL B 148 -1.84 -5.87 2.77
N GLN B 149 -2.00 -6.25 4.02
CA GLN B 149 -2.70 -5.39 4.98
C GLN B 149 -1.89 -4.12 5.25
N LYS B 150 -0.58 -4.29 5.37
CA LYS B 150 0.34 -3.16 5.50
C LYS B 150 0.19 -2.22 4.30
N LEU B 151 0.10 -2.79 3.10
CA LEU B 151 -0.11 -1.99 1.89
C LEU B 151 -1.46 -1.28 1.90
N GLN B 152 -2.45 -1.95 2.49
CA GLN B 152 -3.79 -1.38 2.61
C GLN B 152 -3.76 -0.16 3.53
N MET B 153 -2.89 -0.19 4.53
CA MET B 153 -2.73 0.93 5.44
C MET B 153 -2.03 2.10 4.76
N GLU B 154 -1.02 1.79 3.96
CA GLU B 154 -0.22 2.83 3.32
C GLU B 154 0.48 2.32 2.06
N ALA B 155 0.20 2.96 0.93
CA ALA B 155 0.87 2.66 -0.32
C ALA B 155 2.25 3.31 -0.33
N PRO B 156 3.31 2.51 -0.19
CA PRO B 156 4.68 3.00 0.00
C PRO B 156 5.17 3.81 -1.19
N HIS B 157 5.76 4.97 -0.93
CA HIS B 157 6.33 5.83 -1.97
C HIS B 157 7.26 5.04 -2.88
N ILE B 158 8.08 4.19 -2.27
CA ILE B 158 9.07 3.41 -3.01
C ILE B 158 8.95 1.93 -2.69
N ILE B 159 8.78 1.11 -3.72
CA ILE B 159 8.80 -0.34 -3.57
C ILE B 159 10.11 -0.88 -4.14
N VAL B 160 10.74 -1.81 -3.43
CA VAL B 160 11.94 -2.46 -3.95
C VAL B 160 11.91 -3.95 -3.61
N GLY B 161 12.08 -4.81 -4.61
CA GLY B 161 12.04 -6.23 -4.34
C GLY B 161 12.39 -7.12 -5.51
N THR B 162 12.07 -8.41 -5.37
CA THR B 162 12.36 -9.39 -6.41
C THR B 162 11.27 -9.39 -7.47
N PRO B 163 11.64 -9.63 -8.74
CA PRO B 163 10.73 -9.57 -9.89
C PRO B 163 9.47 -10.42 -9.73
N GLY B 164 9.62 -11.63 -9.21
CA GLY B 164 8.50 -12.53 -9.03
C GLY B 164 7.46 -12.02 -8.04
N ARG B 165 7.93 -11.57 -6.88
CA ARG B 165 7.06 -11.06 -5.83
C ARG B 165 6.42 -9.73 -6.22
N VAL B 166 7.22 -8.86 -6.83
CA VAL B 166 6.73 -7.57 -7.32
C VAL B 166 5.63 -7.78 -8.36
N PHE B 167 5.89 -8.65 -9.33
CA PHE B 167 4.86 -8.95 -10.32
C PHE B 167 3.66 -9.63 -9.70
N ASP B 168 3.89 -10.41 -8.64
CA ASP B 168 2.79 -11.03 -7.92
C ASP B 168 1.86 -9.96 -7.37
N MET B 169 2.45 -8.94 -6.75
CA MET B 169 1.66 -7.87 -6.15
C MET B 169 0.99 -6.99 -7.21
N LEU B 170 1.65 -6.82 -8.35
CA LEU B 170 1.05 -6.07 -9.46
C LEU B 170 -0.15 -6.81 -10.05
N ASN B 171 0.02 -8.11 -10.24
CA ASN B 171 -1.00 -8.95 -10.87
C ASN B 171 -2.23 -9.15 -10.00
N ARG B 172 -2.03 -9.18 -8.69
CA ARG B 172 -3.13 -9.33 -7.75
C ARG B 172 -3.74 -7.97 -7.40
N ARG B 173 -3.34 -6.95 -8.16
CA ARG B 173 -3.89 -5.59 -8.06
C ARG B 173 -3.67 -4.95 -6.69
N TYR B 174 -2.75 -5.50 -5.91
CA TYR B 174 -2.43 -4.94 -4.60
C TYR B 174 -1.45 -3.78 -4.72
N LEU B 175 -0.58 -3.85 -5.72
CA LEU B 175 0.31 -2.75 -6.05
C LEU B 175 -0.18 -2.07 -7.31
N SER B 176 -0.31 -0.75 -7.26
CA SER B 176 -0.85 0.02 -8.39
C SER B 176 0.26 0.68 -9.20
N PRO B 177 0.17 0.59 -10.54
CA PRO B 177 1.12 1.22 -11.46
C PRO B 177 0.71 2.63 -11.84
N LYS B 178 -0.42 3.09 -11.30
CA LYS B 178 -1.02 4.36 -11.68
C LYS B 178 -0.11 5.56 -11.48
N TYR B 179 0.64 5.57 -10.38
CA TYR B 179 1.49 6.71 -10.05
C TYR B 179 2.98 6.36 -10.12
N ILE B 180 3.30 5.20 -10.69
CA ILE B 180 4.69 4.77 -10.82
C ILE B 180 5.34 5.39 -12.06
N LYS B 181 6.26 6.32 -11.83
CA LYS B 181 6.95 7.00 -12.93
C LYS B 181 8.42 6.59 -13.01
N MET B 182 8.87 5.79 -12.05
CA MET B 182 10.26 5.35 -12.02
C MET B 182 10.37 3.83 -11.97
N PHE B 183 11.14 3.26 -12.90
CA PHE B 183 11.37 1.83 -12.95
C PHE B 183 12.86 1.53 -13.02
N VAL B 184 13.41 1.04 -11.91
CA VAL B 184 14.83 0.74 -11.81
C VAL B 184 15.08 -0.77 -11.83
N LEU B 185 16.05 -1.19 -12.63
CA LEU B 185 16.44 -2.60 -12.73
C LEU B 185 17.88 -2.75 -12.27
N ASP B 186 18.07 -3.06 -10.99
CA ASP B 186 19.41 -3.20 -10.43
C ASP B 186 19.99 -4.58 -10.72
N GLU B 187 21.16 -4.58 -11.35
CA GLU B 187 21.84 -5.81 -11.76
C GLU B 187 20.94 -6.67 -12.65
N ALA B 188 20.69 -6.18 -13.86
CA ALA B 188 19.81 -6.85 -14.80
C ALA B 188 20.34 -8.22 -15.21
N ASP B 189 21.65 -8.30 -15.44
CA ASP B 189 22.30 -9.54 -15.82
C ASP B 189 22.09 -10.63 -14.78
N GLU B 190 22.08 -10.23 -13.52
CA GLU B 190 21.84 -11.17 -12.42
C GLU B 190 20.42 -11.69 -12.43
N MET B 191 19.46 -10.79 -12.61
CA MET B 191 18.05 -11.16 -12.65
C MET B 191 17.76 -12.07 -13.84
N LEU B 192 18.43 -11.84 -14.95
CA LEU B 192 18.23 -12.65 -16.15
C LEU B 192 18.95 -13.99 -16.02
N SER B 193 20.05 -14.01 -15.29
CA SER B 193 20.79 -15.24 -15.03
C SER B 193 19.95 -16.19 -14.19
N ARG B 194 19.13 -15.62 -13.30
CA ARG B 194 18.30 -16.41 -12.42
C ARG B 194 16.91 -16.65 -13.03
N GLY B 195 16.73 -16.20 -14.26
CA GLY B 195 15.52 -16.46 -15.02
C GLY B 195 14.32 -15.63 -14.63
N PHE B 196 14.52 -14.32 -14.52
CA PHE B 196 13.42 -13.40 -14.21
C PHE B 196 12.95 -12.63 -15.44
N LYS B 197 13.34 -13.10 -16.61
CA LYS B 197 13.03 -12.42 -17.87
C LYS B 197 11.53 -12.23 -18.08
N ASP B 198 10.80 -13.33 -17.96
CA ASP B 198 9.34 -13.32 -18.07
C ASP B 198 8.71 -12.30 -17.12
N GLN B 199 9.18 -12.31 -15.87
CA GLN B 199 8.66 -11.41 -14.85
C GLN B 199 8.91 -9.95 -15.21
N ILE B 200 10.12 -9.66 -15.67
CA ILE B 200 10.48 -8.30 -16.06
C ILE B 200 9.61 -7.80 -17.21
N TYR B 201 9.44 -8.64 -18.23
CA TYR B 201 8.56 -8.28 -19.35
C TYR B 201 7.11 -8.09 -18.90
N ASP B 202 6.65 -8.95 -18.01
CA ASP B 202 5.29 -8.84 -17.47
C ASP B 202 5.09 -7.54 -16.72
N ILE B 203 6.10 -7.13 -15.96
CA ILE B 203 6.05 -5.89 -15.22
C ILE B 203 6.06 -4.71 -16.18
N PHE B 204 6.80 -4.85 -17.28
CA PHE B 204 6.76 -3.85 -18.34
C PHE B 204 5.36 -3.75 -18.93
N GLN B 205 4.66 -4.88 -19.01
CA GLN B 205 3.27 -4.89 -19.45
C GLN B 205 2.37 -4.17 -18.44
N LYS B 206 2.70 -4.33 -17.15
CA LYS B 206 1.91 -3.73 -16.09
C LYS B 206 2.06 -2.21 -16.00
N LEU B 207 3.30 -1.73 -16.11
CA LEU B 207 3.58 -0.31 -15.92
C LEU B 207 3.10 0.55 -17.09
N ASN B 208 2.97 1.85 -16.83
CA ASN B 208 2.57 2.79 -17.87
C ASN B 208 3.69 3.00 -18.88
N SER B 209 3.32 3.43 -20.08
CA SER B 209 4.29 3.62 -21.16
C SER B 209 5.20 4.83 -20.91
N ASN B 210 4.70 5.81 -20.15
CA ASN B 210 5.47 7.02 -19.89
C ASN B 210 6.47 6.85 -18.75
N THR B 211 6.55 5.64 -18.21
CA THR B 211 7.41 5.37 -17.07
C THR B 211 8.88 5.48 -17.43
N GLN B 212 9.60 6.31 -16.68
CA GLN B 212 11.05 6.44 -16.83
C GLN B 212 11.75 5.14 -16.49
N VAL B 213 12.72 4.74 -17.30
CA VAL B 213 13.42 3.47 -17.08
C VAL B 213 14.91 3.67 -16.83
N VAL B 214 15.43 3.01 -15.80
CA VAL B 214 16.84 3.07 -15.45
C VAL B 214 17.36 1.66 -15.21
N LEU B 215 18.40 1.27 -15.94
CA LEU B 215 18.94 -0.08 -15.81
C LEU B 215 20.41 -0.06 -15.38
N LEU B 216 20.74 -0.92 -14.42
CA LEU B 216 22.12 -1.08 -13.98
C LEU B 216 22.55 -2.52 -14.20
N SER B 217 23.74 -2.70 -14.78
CA SER B 217 24.23 -4.03 -15.10
C SER B 217 25.74 -4.02 -15.35
N ALA B 218 26.46 -4.90 -14.67
CA ALA B 218 27.90 -5.01 -14.85
C ALA B 218 28.23 -5.50 -16.26
N THR B 219 27.58 -6.60 -16.66
CA THR B 219 27.77 -7.14 -17.99
C THR B 219 26.60 -6.76 -18.89
N MET B 220 26.80 -6.84 -20.20
CA MET B 220 25.74 -6.50 -21.15
C MET B 220 25.50 -7.61 -22.17
N PRO B 221 24.89 -8.72 -21.72
CA PRO B 221 24.56 -9.82 -22.64
C PRO B 221 23.44 -9.44 -23.60
N SER B 222 23.08 -10.37 -24.48
CA SER B 222 22.08 -10.10 -25.52
C SER B 222 20.72 -9.72 -24.95
N ASP B 223 20.31 -10.39 -23.87
CA ASP B 223 19.00 -10.17 -23.28
C ASP B 223 18.84 -8.78 -22.67
N VAL B 224 19.87 -8.33 -21.96
CA VAL B 224 19.87 -7.00 -21.37
C VAL B 224 19.74 -5.93 -22.46
N LEU B 225 20.60 -6.03 -23.45
CA LEU B 225 20.60 -5.12 -24.60
C LEU B 225 19.24 -5.14 -25.30
N GLU B 226 18.63 -6.32 -25.35
CA GLU B 226 17.33 -6.49 -25.99
C GLU B 226 16.24 -5.76 -25.23
N VAL B 227 16.25 -5.88 -23.90
CA VAL B 227 15.31 -5.18 -23.05
C VAL B 227 15.46 -3.66 -23.20
N THR B 228 16.72 -3.20 -23.10
CA THR B 228 17.00 -1.77 -23.23
C THR B 228 16.59 -1.22 -24.60
N LYS B 229 16.76 -2.03 -25.64
CA LYS B 229 16.35 -1.62 -26.98
C LYS B 229 14.83 -1.57 -27.11
N LYS B 230 14.15 -2.52 -26.45
CA LYS B 230 12.72 -2.65 -26.58
C LYS B 230 11.92 -1.60 -25.82
N PHE B 231 12.35 -1.29 -24.59
CA PHE B 231 11.51 -0.46 -23.73
C PHE B 231 12.04 0.95 -23.46
N MET B 232 13.33 1.17 -23.66
CA MET B 232 13.91 2.49 -23.40
C MET B 232 13.91 3.36 -24.65
N ARG B 233 13.87 4.67 -24.44
CA ARG B 233 13.90 5.64 -25.54
C ARG B 233 14.93 6.73 -25.31
N ASP B 234 15.86 6.85 -26.25
CA ASP B 234 16.94 7.85 -26.19
C ASP B 234 17.66 7.87 -24.85
N PRO B 235 18.23 6.72 -24.44
CA PRO B 235 18.78 6.63 -23.08
C PRO B 235 20.14 7.32 -22.93
N ILE B 236 20.51 7.63 -21.69
CA ILE B 236 21.85 8.13 -21.40
C ILE B 236 22.71 6.94 -20.99
N ARG B 237 23.68 6.60 -21.83
CA ARG B 237 24.54 5.45 -21.59
C ARG B 237 25.84 5.86 -20.93
N ILE B 238 26.18 5.19 -19.83
CA ILE B 238 27.38 5.51 -19.06
C ILE B 238 28.19 4.27 -18.72
N LEU B 239 29.48 4.31 -19.01
CA LEU B 239 30.38 3.20 -18.71
C LEU B 239 31.44 3.62 -17.70
N VAL B 240 31.69 2.77 -16.72
CA VAL B 240 32.69 3.06 -15.68
C VAL B 240 33.78 1.99 -15.65
#